data_6A15
#
_entry.id   6A15
#
_cell.length_a   76.818
_cell.length_b   80.574
_cell.length_c   83.031
_cell.angle_alpha   90.00
_cell.angle_beta   90.00
_cell.angle_gamma   90.00
#
_symmetry.space_group_name_H-M   'P 21 21 21'
#
loop_
_entity.id
_entity.type
_entity.pdbx_description
1 polymer 'Cytochrome P450 90B1'
2 non-polymer 'PROTOPORPHYRIN IX CONTAINING FE'
3 non-polymer CHOLESTEROL
4 non-polymer GLYCEROL
5 non-polymer 'CHLORIDE ION'
6 water water
#
_entity_poly.entity_id   1
_entity_poly.type   'polypeptide(L)'
_entity_poly.pdbx_seq_one_letter_code
;MAKRRNRKTRFNLPPGKSGWPFLGETIGYLKPYTATTLGDFMQQHVSKYGKIYRSNLFGEPTIVSADAGLNRFILQNEGR
LFECSYPRSIGGILGKWSMLVLVGDMHRDMRSISLNFLSHARLRTILLKDVERHTLFVLDSWQQNSIFSAQDEAKKFTFN
LMAKHIMSMDPGEEETEQLKKEYVTFMKGVVSAPLNLPGTAYHKALQSRATILKFIERKMEERKLDIKERKQRTDDDLLG
WVLKHSNLSTEQILDLILSLLFAGHETSSVAIALAIFFLQACPKAVEELREEHLEIARAKKELGESELNWDDYKKMDFTQ
CVINETLRLGNVVRFLHRKALKDVRYKGYDIPSGWKVLPVISAVHLDNSRYDQPNLFNPWRWQQQTWGNNYMPFGGGPRL
CAGSELAKLEMAVFIHHLVLKFNWELAEDDKPFAFPFVDFPNGLLIRVSRILHHHH
;
_entity_poly.pdbx_strand_id   A
#
loop_
_chem_comp.id
_chem_comp.type
_chem_comp.name
_chem_comp.formula
CL non-polymer 'CHLORIDE ION' 'Cl -1'
CLR non-polymer CHOLESTEROL 'C27 H46 O'
GOL non-polymer GLYCEROL 'C3 H8 O3'
HEM non-polymer 'PROTOPORPHYRIN IX CONTAINING FE' 'C34 H32 Fe N4 O4'
#
# COMPACT_ATOMS: atom_id res chain seq x y z
N THR A 9 -28.85 -0.68 26.70
CA THR A 9 -27.50 -1.20 26.38
C THR A 9 -26.46 -0.86 27.47
N ARG A 10 -25.40 -0.14 27.08
CA ARG A 10 -24.38 0.29 28.02
C ARG A 10 -24.31 1.81 27.99
N PHE A 11 -24.48 2.42 29.19
CA PHE A 11 -24.60 3.87 29.33
C PHE A 11 -23.42 4.63 28.70
N ASN A 12 -22.21 4.10 28.80
CA ASN A 12 -21.05 4.86 28.38
C ASN A 12 -20.52 4.38 27.04
N LEU A 13 -21.31 3.60 26.29
CA LEU A 13 -20.90 3.34 24.89
C LEU A 13 -20.84 4.66 24.11
N PRO A 14 -19.96 4.74 23.10
CA PRO A 14 -19.97 5.90 22.23
C PRO A 14 -21.33 6.08 21.60
N PRO A 15 -21.71 7.30 21.26
CA PRO A 15 -23.04 7.52 20.65
C PRO A 15 -23.06 6.92 19.25
N GLY A 16 -24.27 6.65 18.75
CA GLY A 16 -24.38 6.21 17.37
C GLY A 16 -25.82 6.03 16.96
N LYS A 17 -26.00 5.69 15.68
CA LYS A 17 -27.36 5.43 15.24
C LYS A 17 -27.83 4.10 15.80
N SER A 18 -26.90 3.15 15.92
CA SER A 18 -27.17 1.72 16.05
C SER A 18 -25.94 1.08 16.66
N GLY A 19 -26.11 0.31 17.74
CA GLY A 19 -25.03 -0.47 18.32
C GLY A 19 -25.05 -1.90 17.78
N LEU A 23 -30.52 -3.08 10.80
CA LEU A 23 -30.04 -1.83 11.39
C LEU A 23 -28.52 -1.63 11.12
N GLY A 24 -27.93 -2.49 10.27
CA GLY A 24 -26.51 -2.36 9.94
C GLY A 24 -26.26 -1.24 8.96
N GLU A 25 -25.03 -0.72 8.96
CA GLU A 25 -24.72 0.46 8.15
C GLU A 25 -23.57 0.18 7.17
N THR A 26 -23.26 -1.10 6.93
CA THR A 26 -22.10 -1.46 6.09
C THR A 26 -22.22 -0.87 4.69
N ILE A 27 -23.42 -0.89 4.10
CA ILE A 27 -23.52 -0.38 2.73
C ILE A 27 -23.16 1.08 2.68
N GLY A 28 -23.67 1.87 3.62
CA GLY A 28 -23.40 3.30 3.61
C GLY A 28 -21.94 3.57 3.93
N TYR A 29 -21.37 2.75 4.83
CA TYR A 29 -19.98 2.95 5.26
C TYR A 29 -19.04 2.75 4.07
N LEU A 30 -19.37 1.81 3.19
CA LEU A 30 -18.54 1.38 2.04
C LEU A 30 -18.85 2.14 0.77
N LYS A 31 -19.87 2.99 0.75
CA LYS A 31 -20.20 3.76 -0.46
C LYS A 31 -18.99 4.56 -0.94
N PRO A 32 -18.64 4.49 -2.23
CA PRO A 32 -17.41 5.19 -2.68
C PRO A 32 -17.47 6.69 -2.48
N TYR A 33 -16.31 7.31 -2.21
CA TYR A 33 -16.21 8.72 -1.98
C TYR A 33 -14.86 9.20 -2.48
N THR A 34 -14.77 10.52 -2.69
CA THR A 34 -13.56 11.15 -3.23
C THR A 34 -12.38 10.91 -2.27
N ALA A 35 -11.26 10.41 -2.81
CA ALA A 35 -10.22 9.90 -1.91
C ALA A 35 -9.50 10.98 -1.08
N THR A 36 -9.57 12.25 -1.48
CA THR A 36 -8.97 13.35 -0.74
C THR A 36 -9.94 13.94 0.30
N THR A 37 -11.00 13.20 0.63
CA THR A 37 -11.92 13.52 1.73
C THR A 37 -12.21 12.26 2.53
N LEU A 38 -13.01 12.40 3.61
CA LEU A 38 -13.42 11.21 4.36
C LEU A 38 -14.75 10.63 3.88
N GLY A 39 -15.45 11.34 2.99
CA GLY A 39 -16.69 10.88 2.41
C GLY A 39 -17.89 11.27 3.25
N ASP A 40 -19.07 11.30 2.62
CA ASP A 40 -20.28 11.79 3.30
C ASP A 40 -20.61 10.99 4.57
N PHE A 41 -20.56 9.66 4.50
CA PHE A 41 -21.00 8.84 5.64
C PHE A 41 -20.15 9.16 6.86
N MET A 42 -18.81 9.15 6.70
CA MET A 42 -17.94 9.42 7.85
C MET A 42 -18.12 10.86 8.33
N GLN A 43 -18.18 11.82 7.40
CA GLN A 43 -18.31 13.23 7.79
C GLN A 43 -19.62 13.48 8.55
N GLN A 44 -20.73 12.94 8.05
CA GLN A 44 -22.03 13.07 8.72
C GLN A 44 -22.06 12.37 10.07
N HIS A 45 -21.41 11.22 10.20
CA HIS A 45 -21.45 10.56 11.50
C HIS A 45 -20.59 11.30 12.50
N VAL A 46 -19.44 11.81 12.04
CA VAL A 46 -18.59 12.56 12.97
C VAL A 46 -19.29 13.86 13.37
N SER A 47 -19.95 14.53 12.43
CA SER A 47 -20.64 15.78 12.77
C SER A 47 -21.75 15.53 13.79
N LYS A 48 -22.49 14.43 13.64
CA LYS A 48 -23.64 14.19 14.52
C LYS A 48 -23.24 13.54 15.85
N TYR A 49 -22.30 12.59 15.82
CA TYR A 49 -22.00 11.79 17.00
C TYR A 49 -20.68 12.15 17.68
N GLY A 50 -19.76 12.79 16.98
CA GLY A 50 -18.42 13.05 17.46
C GLY A 50 -17.43 12.08 16.80
N LYS A 51 -16.15 12.26 17.12
CA LYS A 51 -15.10 11.48 16.44
C LYS A 51 -15.04 10.01 16.83
N ILE A 52 -15.64 9.61 17.96
CA ILE A 52 -15.69 8.22 18.36
C ILE A 52 -17.16 7.85 18.40
N TYR A 53 -17.59 6.90 17.57
CA TYR A 53 -19.03 6.59 17.50
C TYR A 53 -19.23 5.09 17.27
N ARG A 54 -20.45 4.62 17.51
CA ARG A 54 -20.72 3.20 17.37
C ARG A 54 -21.63 2.99 16.17
N SER A 55 -21.55 1.78 15.62
CA SER A 55 -22.32 1.38 14.43
C SER A 55 -22.40 -0.14 14.45
N ASN A 56 -23.11 -0.70 13.47
CA ASN A 56 -23.06 -2.12 13.24
C ASN A 56 -22.50 -2.31 11.82
N LEU A 57 -21.31 -2.87 11.72
CA LEU A 57 -20.56 -2.91 10.47
C LEU A 57 -19.93 -4.27 10.26
N PHE A 58 -19.93 -4.74 9.01
CA PHE A 58 -19.35 -6.05 8.67
C PHE A 58 -19.90 -7.12 9.58
N GLY A 59 -21.17 -6.97 9.97
CA GLY A 59 -21.80 -8.00 10.78
C GLY A 59 -21.56 -7.92 12.27
N GLU A 60 -20.85 -6.88 12.75
CA GLU A 60 -20.44 -6.83 14.15
C GLU A 60 -20.75 -5.48 14.77
N PRO A 61 -21.05 -5.45 16.07
CA PRO A 61 -21.09 -4.16 16.77
C PRO A 61 -19.68 -3.56 16.76
N THR A 62 -19.58 -2.28 16.42
CA THR A 62 -18.32 -1.67 16.05
C THR A 62 -18.18 -0.29 16.66
N ILE A 63 -16.97 0.05 17.13
CA ILE A 63 -16.61 1.41 17.49
C ILE A 63 -15.74 1.96 16.37
N VAL A 64 -16.13 3.10 15.79
CA VAL A 64 -15.38 3.74 14.70
C VAL A 64 -14.65 4.90 15.35
N SER A 65 -13.32 5.04 15.08
CA SER A 65 -12.55 6.14 15.67
C SER A 65 -11.93 7.03 14.59
N ALA A 66 -12.39 8.29 14.48
CA ALA A 66 -11.68 9.34 13.78
C ALA A 66 -10.85 10.19 14.74
N ASP A 67 -10.63 9.70 15.95
CA ASP A 67 -9.86 10.43 16.96
C ASP A 67 -8.38 9.99 16.88
N ALA A 68 -7.48 10.94 16.66
CA ALA A 68 -6.08 10.58 16.41
C ALA A 68 -5.44 9.96 17.63
N GLY A 69 -5.80 10.45 18.84
CA GLY A 69 -5.15 9.92 20.03
C GLY A 69 -5.59 8.50 20.32
N LEU A 70 -6.89 8.24 20.13
CA LEU A 70 -7.37 6.86 20.33
C LEU A 70 -6.77 5.96 19.26
N ASN A 71 -6.65 6.45 18.02
CA ASN A 71 -6.04 5.62 16.98
C ASN A 71 -4.60 5.22 17.32
N ARG A 72 -3.79 6.18 17.76
CA ARG A 72 -2.43 5.87 18.21
C ARG A 72 -2.47 4.83 19.33
N PHE A 73 -3.37 5.01 20.28
CA PHE A 73 -3.46 4.11 21.43
C PHE A 73 -3.83 2.71 20.95
N ILE A 74 -4.79 2.63 20.03
CA ILE A 74 -5.18 1.30 19.52
C ILE A 74 -3.98 0.63 18.87
N LEU A 75 -3.29 1.36 17.98
CA LEU A 75 -2.22 0.70 17.21
C LEU A 75 -1.06 0.27 18.11
N GLN A 76 -0.69 1.11 19.07
CA GLN A 76 0.44 0.75 19.92
C GLN A 76 0.12 -0.32 20.96
N ASN A 77 -1.14 -0.65 21.19
CA ASN A 77 -1.50 -1.66 22.17
C ASN A 77 -2.01 -2.92 21.48
N GLU A 78 -1.59 -3.12 20.24
CA GLU A 78 -1.79 -4.38 19.54
C GLU A 78 -1.20 -5.57 20.34
N GLY A 79 -2.02 -6.62 20.50
CA GLY A 79 -1.58 -7.82 21.20
C GLY A 79 -1.80 -7.74 22.70
N ARG A 80 -2.20 -6.59 23.20
CA ARG A 80 -2.42 -6.39 24.63
C ARG A 80 -3.87 -6.02 24.90
N LEU A 81 -4.34 -4.91 24.33
CA LEU A 81 -5.74 -4.52 24.46
C LEU A 81 -6.54 -4.66 23.18
N PHE A 82 -5.88 -4.70 22.01
CA PHE A 82 -6.58 -4.80 20.74
C PHE A 82 -5.86 -5.83 19.89
N GLU A 83 -6.57 -6.36 18.91
CA GLU A 83 -5.93 -7.32 18.03
C GLU A 83 -6.41 -7.15 16.59
N CYS A 84 -5.51 -7.35 15.63
CA CYS A 84 -5.91 -7.44 14.21
C CYS A 84 -7.08 -8.42 14.04
N SER A 85 -8.13 -7.99 13.33
CA SER A 85 -9.32 -8.82 13.15
C SER A 85 -10.05 -8.43 11.86
N TYR A 86 -9.58 -8.97 10.71
CA TYR A 86 -10.19 -8.56 9.45
C TYR A 86 -11.39 -9.45 9.09
N PRO A 87 -12.26 -8.96 8.21
CA PRO A 87 -13.39 -9.80 7.76
C PRO A 87 -12.89 -11.07 7.07
N ARG A 88 -13.81 -12.03 6.96
CA ARG A 88 -13.38 -13.36 6.51
C ARG A 88 -12.80 -13.37 5.10
N SER A 89 -13.21 -12.42 4.25
CA SER A 89 -12.73 -12.40 2.87
C SER A 89 -11.21 -12.22 2.80
N ILE A 90 -10.62 -11.46 3.74
CA ILE A 90 -9.17 -11.31 3.74
C ILE A 90 -8.47 -12.65 3.93
N GLY A 91 -8.84 -13.37 4.97
CA GLY A 91 -8.17 -14.63 5.24
C GLY A 91 -8.47 -15.65 4.18
N GLY A 92 -9.64 -15.55 3.55
CA GLY A 92 -9.98 -16.47 2.50
C GLY A 92 -9.08 -16.31 1.29
N ILE A 93 -8.79 -15.07 0.94
CA ILE A 93 -7.99 -14.79 -0.26
C ILE A 93 -6.51 -14.78 0.03
N LEU A 94 -6.09 -14.16 1.13
CA LEU A 94 -4.65 -14.09 1.37
C LEU A 94 -4.12 -15.29 2.18
N GLY A 95 -5.00 -15.97 2.92
CA GLY A 95 -4.64 -17.24 3.50
C GLY A 95 -4.50 -17.17 5.02
N LYS A 96 -4.60 -18.35 5.66
CA LYS A 96 -4.56 -18.37 7.12
C LYS A 96 -3.17 -18.08 7.68
N TRP A 97 -2.13 -18.20 6.86
CA TRP A 97 -0.76 -17.93 7.31
C TRP A 97 -0.30 -16.56 6.86
N SER A 98 -1.21 -15.71 6.37
CA SER A 98 -0.78 -14.35 6.01
C SER A 98 -0.73 -13.44 7.24
N MET A 99 0.01 -12.31 7.12
CA MET A 99 0.26 -11.47 8.30
C MET A 99 -0.97 -10.67 8.75
N LEU A 100 -2.00 -10.52 7.88
CA LEU A 100 -3.26 -9.90 8.32
C LEU A 100 -4.16 -10.89 9.06
N VAL A 101 -3.79 -12.15 9.16
CA VAL A 101 -4.56 -13.14 9.90
C VAL A 101 -3.81 -13.62 11.14
N LEU A 102 -2.52 -13.89 10.99
CA LEU A 102 -1.69 -14.36 12.10
C LEU A 102 -1.63 -13.35 13.25
N VAL A 103 -1.59 -13.85 14.49
CA VAL A 103 -1.40 -13.02 15.68
C VAL A 103 -0.30 -13.65 16.54
N GLY A 104 0.09 -12.95 17.62
CA GLY A 104 1.08 -13.52 18.55
C GLY A 104 2.42 -13.87 17.95
N ASP A 105 3.00 -14.97 18.45
CA ASP A 105 4.35 -15.35 18.05
C ASP A 105 4.46 -15.64 16.57
N MET A 106 3.46 -16.32 16.01
CA MET A 106 3.57 -16.62 14.59
C MET A 106 3.57 -15.32 13.77
N HIS A 107 2.76 -14.34 14.16
CA HIS A 107 2.81 -13.06 13.44
C HIS A 107 4.20 -12.44 13.60
N ARG A 108 4.72 -12.43 14.82
CA ARG A 108 6.03 -11.83 15.07
C ARG A 108 7.11 -12.47 14.20
N ASP A 109 7.08 -13.79 14.06
CA ASP A 109 8.11 -14.49 13.28
C ASP A 109 7.98 -14.22 11.77
N MET A 110 6.74 -14.18 11.25
CA MET A 110 6.55 -13.80 9.85
C MET A 110 7.05 -12.39 9.62
N ARG A 111 6.72 -11.49 10.55
CA ARG A 111 7.17 -10.11 10.41
C ARG A 111 8.68 -10.04 10.36
N SER A 112 9.37 -10.76 11.26
CA SER A 112 10.84 -10.76 11.26
C SER A 112 11.41 -11.18 9.91
N ILE A 113 10.83 -12.22 9.29
CA ILE A 113 11.30 -12.63 7.96
C ILE A 113 11.12 -11.52 6.97
N SER A 114 9.96 -10.86 7.00
CA SER A 114 9.71 -9.76 6.08
C SER A 114 10.71 -8.64 6.29
N LEU A 115 11.01 -8.31 7.55
CA LEU A 115 11.89 -7.16 7.82
C LEU A 115 13.30 -7.42 7.33
N ASN A 116 13.80 -8.64 7.51
CA ASN A 116 15.13 -8.96 6.99
C ASN A 116 15.17 -8.79 5.48
N PHE A 117 14.09 -9.11 4.80
CA PHE A 117 14.11 -9.10 3.36
C PHE A 117 13.88 -7.73 2.77
N LEU A 118 13.22 -6.84 3.51
CA LEU A 118 13.34 -5.41 3.27
C LEU A 118 14.34 -4.79 4.25
N SER A 119 15.24 -5.62 4.82
CA SER A 119 16.28 -5.14 5.74
C SER A 119 17.05 -4.01 5.09
N HIS A 120 17.52 -3.07 5.94
CA HIS A 120 18.25 -1.90 5.46
C HIS A 120 19.40 -2.29 4.55
N ALA A 121 20.23 -3.27 4.95
CA ALA A 121 21.38 -3.62 4.12
C ALA A 121 20.97 -4.06 2.73
N ARG A 122 20.02 -5.00 2.66
CA ARG A 122 19.56 -5.48 1.35
C ARG A 122 18.86 -4.36 0.60
N LEU A 123 18.13 -3.51 1.31
CA LEU A 123 17.44 -2.41 0.66
C LEU A 123 18.42 -1.42 0.05
N ARG A 124 19.54 -1.14 0.73
CA ARG A 124 20.43 -0.08 0.29
C ARG A 124 21.21 -0.47 -0.96
N THR A 125 21.38 -1.76 -1.18
CA THR A 125 22.28 -2.27 -2.21
C THR A 125 21.49 -2.92 -3.32
N ILE A 126 21.12 -4.18 -3.11
CA ILE A 126 20.58 -4.98 -4.19
C ILE A 126 19.20 -4.48 -4.58
N LEU A 127 18.34 -4.21 -3.61
CA LEU A 127 16.98 -3.79 -3.97
C LEU A 127 16.98 -2.46 -4.69
N LEU A 128 17.75 -1.47 -4.18
CA LEU A 128 17.79 -0.20 -4.85
C LEU A 128 18.13 -0.39 -6.32
N LYS A 129 19.08 -1.29 -6.61
CA LYS A 129 19.51 -1.38 -8.00
C LYS A 129 18.43 -2.00 -8.87
N ASP A 130 17.71 -3.01 -8.35
CA ASP A 130 16.60 -3.55 -9.11
C ASP A 130 15.48 -2.51 -9.27
N VAL A 131 15.25 -1.70 -8.26
CA VAL A 131 14.18 -0.71 -8.36
C VAL A 131 14.45 0.22 -9.56
N GLU A 132 15.71 0.66 -9.69
CA GLU A 132 16.02 1.53 -10.82
C GLU A 132 15.88 0.79 -12.14
N ARG A 133 16.45 -0.41 -12.23
CA ARG A 133 16.31 -1.13 -13.49
C ARG A 133 14.84 -1.32 -13.89
N HIS A 134 13.96 -1.66 -12.91
CA HIS A 134 12.56 -1.86 -13.22
C HIS A 134 11.82 -0.55 -13.55
N THR A 135 12.23 0.56 -12.92
CA THR A 135 11.70 1.87 -13.26
C THR A 135 11.98 2.19 -14.73
N LEU A 136 13.22 1.96 -15.16
CA LEU A 136 13.58 2.23 -16.56
C LEU A 136 12.95 1.26 -17.54
N PHE A 137 12.81 -0.01 -17.17
CA PHE A 137 12.09 -0.95 -18.02
C PHE A 137 10.70 -0.42 -18.37
N VAL A 138 10.02 0.15 -17.39
CA VAL A 138 8.70 0.72 -17.62
C VAL A 138 8.81 2.05 -18.39
N LEU A 139 9.56 3.01 -17.87
CA LEU A 139 9.56 4.33 -18.49
C LEU A 139 10.11 4.29 -19.91
N ASP A 140 11.08 3.40 -20.17
CA ASP A 140 11.63 3.35 -21.54
C ASP A 140 10.68 2.67 -22.54
N SER A 141 9.56 2.15 -22.09
CA SER A 141 8.58 1.58 -23.02
C SER A 141 7.50 2.57 -23.39
N TRP A 142 7.41 3.71 -22.71
CA TRP A 142 6.31 4.64 -22.93
C TRP A 142 6.47 5.33 -24.28
N GLN A 143 5.35 5.48 -25.01
CA GLN A 143 5.32 6.20 -26.29
C GLN A 143 4.78 7.61 -26.07
N GLN A 144 5.37 8.57 -26.78
CA GLN A 144 4.92 9.95 -26.66
C GLN A 144 3.60 10.22 -27.37
N ASN A 145 2.89 11.23 -26.89
CA ASN A 145 1.69 11.76 -27.57
C ASN A 145 0.67 10.65 -27.86
N SER A 146 0.48 9.78 -26.88
CA SER A 146 -0.36 8.58 -27.01
C SER A 146 -1.02 8.34 -25.66
N ILE A 147 -2.33 8.18 -25.67
CA ILE A 147 -3.08 8.04 -24.40
C ILE A 147 -2.81 6.66 -23.80
N PHE A 148 -2.42 6.62 -22.50
CA PHE A 148 -2.25 5.32 -21.85
C PHE A 148 -2.52 5.47 -20.36
N SER A 149 -2.75 4.36 -19.68
CA SER A 149 -3.14 4.41 -18.26
C SER A 149 -1.90 4.48 -17.35
N ALA A 150 -1.73 5.62 -16.63
CA ALA A 150 -0.63 5.70 -15.68
C ALA A 150 -0.87 4.74 -14.51
N GLN A 151 -2.12 4.57 -14.13
CA GLN A 151 -2.41 3.64 -13.02
C GLN A 151 -1.99 2.21 -13.36
N ASP A 152 -2.32 1.74 -14.58
CA ASP A 152 -1.90 0.41 -15.02
C ASP A 152 -0.39 0.29 -15.07
N GLU A 153 0.33 1.32 -15.58
CA GLU A 153 1.78 1.27 -15.70
C GLU A 153 2.45 1.27 -14.34
N ALA A 154 1.89 2.00 -13.38
CA ALA A 154 2.44 1.96 -12.02
C ALA A 154 2.35 0.54 -11.41
N LYS A 155 1.22 -0.14 -11.63
CA LYS A 155 1.07 -1.51 -11.08
C LYS A 155 1.99 -2.49 -11.79
N LYS A 156 2.22 -2.30 -13.10
CA LYS A 156 3.24 -3.12 -13.77
C LYS A 156 4.60 -2.96 -13.12
N PHE A 157 5.03 -1.71 -12.91
CA PHE A 157 6.31 -1.43 -12.27
C PHE A 157 6.42 -2.16 -10.94
N THR A 158 5.43 -1.95 -10.06
CA THR A 158 5.66 -2.43 -8.70
C THR A 158 5.47 -3.94 -8.63
N PHE A 159 4.55 -4.48 -9.42
CA PHE A 159 4.37 -5.94 -9.40
C PHE A 159 5.59 -6.65 -9.97
N ASN A 160 6.07 -6.20 -11.15
CA ASN A 160 7.29 -6.79 -11.67
C ASN A 160 8.42 -6.76 -10.68
N LEU A 161 8.62 -5.62 -10.01
CA LEU A 161 9.70 -5.51 -9.05
C LEU A 161 9.55 -6.57 -7.96
N MET A 162 8.35 -6.70 -7.40
CA MET A 162 8.15 -7.71 -6.36
C MET A 162 8.34 -9.12 -6.90
N ALA A 163 7.85 -9.41 -8.12
CA ALA A 163 8.04 -10.76 -8.68
C ALA A 163 9.52 -11.10 -8.82
N LYS A 164 10.33 -10.10 -9.14
CA LYS A 164 11.77 -10.31 -9.28
C LYS A 164 12.39 -10.60 -7.92
N HIS A 165 11.99 -9.82 -6.93
CA HIS A 165 12.62 -9.90 -5.62
C HIS A 165 12.20 -11.16 -4.87
N ILE A 166 11.01 -11.66 -5.14
CA ILE A 166 10.49 -12.81 -4.39
C ILE A 166 10.79 -14.11 -5.11
N MET A 167 10.69 -14.15 -6.46
CA MET A 167 10.77 -15.42 -7.15
C MET A 167 11.70 -15.36 -8.37
N SER A 168 12.51 -14.30 -8.50
CA SER A 168 13.44 -14.11 -9.64
C SER A 168 12.74 -14.09 -11.00
N MET A 169 11.47 -13.72 -11.06
CA MET A 169 10.78 -13.66 -12.35
C MET A 169 11.17 -12.41 -13.10
N ASP A 170 11.35 -12.55 -14.46
CA ASP A 170 11.81 -11.36 -15.20
C ASP A 170 10.64 -10.60 -15.80
N PRO A 171 10.78 -9.28 -15.90
CA PRO A 171 9.65 -8.45 -16.33
C PRO A 171 9.40 -8.60 -17.83
N GLY A 172 8.15 -8.46 -18.23
CA GLY A 172 7.90 -8.72 -19.65
C GLY A 172 8.08 -10.14 -20.16
N GLU A 173 8.50 -11.12 -19.34
CA GLU A 173 8.37 -12.53 -19.70
C GLU A 173 6.91 -12.98 -19.57
N GLU A 174 6.55 -14.00 -20.35
CA GLU A 174 5.16 -14.43 -20.42
C GLU A 174 4.61 -14.85 -19.05
N GLU A 175 5.40 -15.61 -18.27
CA GLU A 175 4.83 -16.11 -17.01
C GLU A 175 4.57 -14.98 -16.02
N THR A 176 5.41 -13.93 -16.04
CA THR A 176 5.19 -12.77 -15.16
C THR A 176 3.92 -12.02 -15.53
N GLU A 177 3.69 -11.79 -16.84
CA GLU A 177 2.47 -11.13 -17.27
C GLU A 177 1.23 -11.93 -16.89
N GLN A 178 1.27 -13.25 -17.04
CA GLN A 178 0.08 -14.06 -16.74
C GLN A 178 -0.18 -14.10 -15.23
N LEU A 179 0.88 -14.16 -14.44
CA LEU A 179 0.69 -14.14 -12.99
C LEU A 179 0.05 -12.82 -12.57
N LYS A 180 0.56 -11.70 -13.12
CA LYS A 180 -0.02 -10.41 -12.76
C LYS A 180 -1.51 -10.36 -13.07
N LYS A 181 -1.93 -10.93 -14.20
CA LYS A 181 -3.36 -10.92 -14.54
C LYS A 181 -4.21 -11.58 -13.46
N GLU A 182 -3.66 -12.60 -12.76
CA GLU A 182 -4.45 -13.24 -11.72
C GLU A 182 -4.69 -12.30 -10.55
N TYR A 183 -3.71 -11.47 -10.23
CA TYR A 183 -3.81 -10.57 -9.11
C TYR A 183 -4.84 -9.46 -9.33
N VAL A 184 -5.24 -9.19 -10.56
CA VAL A 184 -6.20 -8.12 -10.80
C VAL A 184 -7.55 -8.38 -10.12
N THR A 185 -7.85 -9.65 -9.80
CA THR A 185 -9.13 -9.98 -9.16
C THR A 185 -9.12 -9.80 -7.65
N PHE A 186 -7.94 -9.68 -7.03
CA PHE A 186 -7.86 -9.81 -5.58
C PHE A 186 -8.58 -8.69 -4.85
N MET A 187 -8.32 -7.41 -5.21
CA MET A 187 -8.83 -6.36 -4.32
C MET A 187 -10.35 -6.34 -4.30
N LYS A 188 -10.99 -6.52 -5.46
CA LYS A 188 -12.44 -6.54 -5.42
C LYS A 188 -12.96 -7.70 -4.60
N GLY A 189 -12.26 -8.82 -4.60
CA GLY A 189 -12.69 -9.96 -3.77
C GLY A 189 -12.54 -9.66 -2.29
N VAL A 190 -11.43 -9.03 -1.91
CA VAL A 190 -11.16 -8.77 -0.50
C VAL A 190 -12.21 -7.85 0.10
N VAL A 191 -12.78 -6.94 -0.68
CA VAL A 191 -13.72 -5.99 -0.10
C VAL A 191 -15.15 -6.43 -0.25
N SER A 192 -15.39 -7.59 -0.85
CA SER A 192 -16.74 -8.04 -1.12
C SER A 192 -17.19 -9.06 -0.08
N ALA A 193 -18.50 -9.32 -0.07
CA ALA A 193 -19.04 -10.33 0.82
C ALA A 193 -18.39 -11.68 0.52
N PRO A 194 -18.10 -12.48 1.55
CA PRO A 194 -17.43 -13.78 1.39
C PRO A 194 -18.40 -14.88 0.94
N LEU A 195 -19.09 -14.63 -0.17
CA LEU A 195 -20.03 -15.59 -0.73
C LEU A 195 -19.30 -16.36 -1.81
N ASN A 196 -18.93 -17.61 -1.51
CA ASN A 196 -18.19 -18.39 -2.50
C ASN A 196 -19.22 -19.08 -3.40
N LEU A 197 -19.74 -18.31 -4.36
CA LEU A 197 -20.82 -18.72 -5.26
C LEU A 197 -20.43 -18.29 -6.67
N PRO A 198 -20.69 -19.11 -7.68
CA PRO A 198 -20.29 -18.78 -9.05
C PRO A 198 -20.80 -17.40 -9.46
N GLY A 199 -19.89 -16.61 -10.02
CA GLY A 199 -20.19 -15.28 -10.49
C GLY A 199 -19.94 -14.15 -9.52
N THR A 200 -19.66 -14.40 -8.24
CA THR A 200 -19.35 -13.29 -7.34
C THR A 200 -17.88 -12.91 -7.43
N ALA A 201 -17.58 -11.69 -6.95
CA ALA A 201 -16.20 -11.23 -6.95
C ALA A 201 -15.33 -12.06 -5.99
N TYR A 202 -15.91 -12.51 -4.87
CA TYR A 202 -15.14 -13.35 -3.94
C TYR A 202 -14.80 -14.70 -4.57
N HIS A 203 -15.76 -15.30 -5.28
CA HIS A 203 -15.49 -16.58 -5.93
C HIS A 203 -14.40 -16.45 -6.98
N LYS A 204 -14.43 -15.35 -7.76
CA LYS A 204 -13.40 -15.13 -8.76
C LYS A 204 -12.01 -14.98 -8.13
N ALA A 205 -11.91 -14.22 -7.02
CA ALA A 205 -10.60 -14.08 -6.36
C ALA A 205 -10.13 -15.41 -5.77
N LEU A 206 -11.04 -16.25 -5.27
CA LEU A 206 -10.59 -17.55 -4.78
C LEU A 206 -10.09 -18.43 -5.92
N GLN A 207 -10.72 -18.32 -7.10
CA GLN A 207 -10.22 -19.09 -8.23
C GLN A 207 -8.81 -18.61 -8.62
N SER A 208 -8.59 -17.30 -8.60
CA SER A 208 -7.24 -16.80 -8.85
C SER A 208 -6.29 -17.26 -7.75
N ARG A 209 -6.72 -17.24 -6.50
CA ARG A 209 -5.85 -17.78 -5.43
C ARG A 209 -5.42 -19.21 -5.74
N ALA A 210 -6.35 -20.06 -6.14
CA ALA A 210 -5.97 -21.44 -6.46
C ALA A 210 -4.91 -21.50 -7.55
N THR A 211 -5.08 -20.70 -8.62
CA THR A 211 -4.13 -20.69 -9.72
C THR A 211 -2.76 -20.23 -9.27
N ILE A 212 -2.74 -19.13 -8.50
CA ILE A 212 -1.47 -18.58 -8.00
C ILE A 212 -0.77 -19.59 -7.09
N LEU A 213 -1.53 -20.23 -6.17
CA LEU A 213 -0.91 -21.21 -5.28
C LEU A 213 -0.27 -22.37 -6.04
N LYS A 214 -0.93 -22.84 -7.08
CA LYS A 214 -0.40 -23.94 -7.89
C LYS A 214 0.90 -23.51 -8.58
N PHE A 215 0.91 -22.29 -9.11
CA PHE A 215 2.11 -21.76 -9.75
C PHE A 215 3.27 -21.68 -8.77
N ILE A 216 3.02 -21.11 -7.59
CA ILE A 216 4.10 -20.91 -6.65
C ILE A 216 4.60 -22.26 -6.16
N GLU A 217 3.69 -23.19 -5.84
CA GLU A 217 4.19 -24.47 -5.29
C GLU A 217 4.95 -25.26 -6.35
N ARG A 218 4.58 -25.14 -7.62
CA ARG A 218 5.41 -25.76 -8.65
C ARG A 218 6.80 -25.13 -8.71
N LYS A 219 6.89 -23.80 -8.69
CA LYS A 219 8.22 -23.13 -8.64
C LYS A 219 9.01 -23.53 -7.41
N MET A 220 8.33 -23.74 -6.26
CA MET A 220 9.01 -24.19 -5.04
C MET A 220 9.60 -25.59 -5.23
N GLU A 221 8.83 -26.47 -5.86
CA GLU A 221 9.35 -27.81 -6.10
C GLU A 221 10.55 -27.79 -7.04
N GLU A 222 10.49 -26.96 -8.09
CA GLU A 222 11.65 -26.82 -8.98
C GLU A 222 12.86 -26.29 -8.22
N ARG A 223 12.63 -25.30 -7.35
CA ARG A 223 13.77 -24.71 -6.63
C ARG A 223 14.38 -25.72 -5.66
N LYS A 224 13.54 -26.52 -5.00
CA LYS A 224 14.05 -27.57 -4.12
C LYS A 224 14.95 -28.57 -4.88
N LEU A 225 14.55 -28.98 -6.08
CA LEU A 225 15.43 -29.82 -6.90
C LEU A 225 16.71 -29.09 -7.25
N ASP A 226 16.61 -27.81 -7.62
CA ASP A 226 17.81 -27.04 -7.96
C ASP A 226 18.79 -27.02 -6.80
N ILE A 227 18.28 -26.91 -5.58
CA ILE A 227 19.10 -26.88 -4.37
C ILE A 227 19.70 -28.25 -4.07
N LYS A 228 19.03 -29.32 -4.50
CA LYS A 228 19.62 -30.66 -4.43
C LYS A 228 20.87 -30.75 -5.29
N GLU A 229 20.74 -30.45 -6.58
CA GLU A 229 21.81 -30.46 -7.57
C GLU A 229 22.76 -29.25 -7.44
N ARG A 230 22.67 -28.56 -6.30
CA ARG A 230 23.67 -27.57 -5.88
C ARG A 230 23.85 -26.43 -6.88
N LYS A 231 22.76 -25.99 -7.50
CA LYS A 231 22.82 -24.84 -8.43
C LYS A 231 22.75 -23.47 -7.72
N THR A 234 20.35 -19.13 -6.30
CA THR A 234 19.48 -20.21 -5.79
C THR A 234 18.86 -19.85 -4.41
N ASP A 235 19.53 -18.98 -3.66
CA ASP A 235 18.93 -18.37 -2.47
C ASP A 235 19.02 -16.86 -2.47
N ASP A 236 19.18 -16.26 -3.65
CA ASP A 236 19.22 -14.80 -3.82
C ASP A 236 17.84 -14.14 -3.79
N ASP A 237 16.74 -14.89 -3.88
CA ASP A 237 15.43 -14.29 -3.78
C ASP A 237 14.72 -14.82 -2.52
N LEU A 238 13.53 -14.29 -2.23
CA LEU A 238 12.89 -14.65 -0.95
C LEU A 238 12.54 -16.13 -0.93
N LEU A 239 12.02 -16.64 -2.03
CA LEU A 239 11.68 -18.07 -2.10
C LEU A 239 12.88 -18.93 -1.73
N GLY A 240 14.04 -18.65 -2.31
CA GLY A 240 15.22 -19.46 -2.00
C GLY A 240 15.63 -19.26 -0.56
N TRP A 241 15.54 -18.01 -0.07
CA TRP A 241 15.89 -17.72 1.31
C TRP A 241 15.04 -18.52 2.30
N VAL A 242 13.70 -18.51 2.16
CA VAL A 242 12.91 -19.19 3.20
C VAL A 242 13.09 -20.68 3.12
N LEU A 243 13.37 -21.21 1.92
CA LEU A 243 13.65 -22.63 1.77
C LEU A 243 14.95 -23.02 2.47
N LYS A 244 15.96 -22.17 2.43
CA LYS A 244 17.22 -22.59 3.03
C LYS A 244 17.41 -22.13 4.46
N HIS A 245 16.76 -21.05 4.86
CA HIS A 245 17.11 -20.39 6.10
C HIS A 245 15.91 -20.25 7.03
N SER A 246 14.81 -20.96 6.76
CA SER A 246 13.70 -20.95 7.70
C SER A 246 13.16 -22.37 7.79
N ASN A 247 12.30 -22.58 8.81
CA ASN A 247 11.58 -23.84 8.89
C ASN A 247 10.09 -23.63 8.65
N LEU A 248 9.75 -22.67 7.80
CA LEU A 248 8.34 -22.51 7.43
C LEU A 248 7.86 -23.75 6.68
N SER A 249 6.58 -24.08 6.83
CA SER A 249 5.98 -25.17 6.09
C SER A 249 5.70 -24.71 4.65
N THR A 250 5.37 -25.68 3.77
CA THR A 250 4.96 -25.33 2.40
C THR A 250 3.84 -24.26 2.40
N GLU A 251 2.78 -24.50 3.17
CA GLU A 251 1.61 -23.61 3.14
C GLU A 251 1.95 -22.23 3.66
N GLN A 252 2.83 -22.16 4.68
CA GLN A 252 3.31 -20.89 5.21
C GLN A 252 4.13 -20.11 4.18
N ILE A 253 5.06 -20.78 3.50
CA ILE A 253 5.78 -20.12 2.39
C ILE A 253 4.80 -19.65 1.32
N LEU A 254 3.80 -20.48 0.99
CA LEU A 254 2.91 -20.10 -0.11
C LEU A 254 2.15 -18.83 0.22
N ASP A 255 1.58 -18.75 1.45
CA ASP A 255 0.81 -17.55 1.81
C ASP A 255 1.71 -16.32 1.94
N LEU A 256 2.93 -16.50 2.42
CA LEU A 256 3.88 -15.38 2.50
C LEU A 256 4.12 -14.83 1.10
N ILE A 257 4.40 -15.71 0.14
CA ILE A 257 4.72 -15.23 -1.20
C ILE A 257 3.49 -14.65 -1.86
N LEU A 258 2.35 -15.34 -1.74
CA LEU A 258 1.15 -14.86 -2.40
C LEU A 258 0.76 -13.48 -1.86
N SER A 259 0.90 -13.28 -0.54
CA SER A 259 0.41 -12.02 0.02
C SER A 259 1.39 -10.86 -0.22
N LEU A 260 2.70 -11.14 -0.22
CA LEU A 260 3.66 -10.09 -0.58
C LEU A 260 3.50 -9.65 -2.06
N LEU A 261 3.18 -10.60 -2.95
CA LEU A 261 2.91 -10.18 -4.34
C LEU A 261 1.65 -9.31 -4.41
N PHE A 262 0.65 -9.58 -3.56
CA PHE A 262 -0.52 -8.69 -3.49
C PHE A 262 -0.11 -7.29 -3.08
N ALA A 263 0.70 -7.18 -2.00
CA ALA A 263 1.21 -5.87 -1.61
C ALA A 263 1.94 -5.22 -2.79
N GLY A 264 2.71 -6.02 -3.55
CA GLY A 264 3.39 -5.48 -4.71
C GLY A 264 2.49 -5.02 -5.82
N HIS A 265 1.23 -5.46 -5.84
CA HIS A 265 0.30 -5.00 -6.84
C HIS A 265 -0.47 -3.76 -6.38
N GLU A 266 -0.69 -3.58 -5.07
CA GLU A 266 -1.80 -2.73 -4.64
C GLU A 266 -1.44 -1.68 -3.59
N THR A 267 -0.18 -1.33 -3.42
CA THR A 267 0.13 -0.35 -2.40
C THR A 267 0.91 0.80 -3.02
N SER A 268 2.19 0.60 -3.22
CA SER A 268 2.97 1.74 -3.72
C SER A 268 2.57 2.10 -5.16
N SER A 269 1.95 1.19 -5.92
CA SER A 269 1.45 1.57 -7.24
C SER A 269 0.35 2.62 -7.15
N VAL A 270 -0.56 2.45 -6.18
CA VAL A 270 -1.58 3.48 -5.90
C VAL A 270 -0.92 4.80 -5.53
N ALA A 271 0.07 4.75 -4.64
CA ALA A 271 0.78 5.98 -4.27
C ALA A 271 1.44 6.67 -5.46
N ILE A 272 2.04 5.91 -6.38
CA ILE A 272 2.71 6.52 -7.54
C ILE A 272 1.67 7.14 -8.47
N ALA A 273 0.53 6.46 -8.67
CA ALA A 273 -0.53 7.05 -9.49
C ALA A 273 -1.05 8.35 -8.85
N LEU A 274 -1.25 8.34 -7.53
CA LEU A 274 -1.65 9.57 -6.84
C LEU A 274 -0.62 10.68 -7.07
N ALA A 275 0.68 10.37 -6.94
CA ALA A 275 1.70 11.40 -7.13
C ALA A 275 1.67 11.97 -8.53
N ILE A 276 1.50 11.12 -9.54
CA ILE A 276 1.42 11.59 -10.93
C ILE A 276 0.22 12.53 -11.10
N PHE A 277 -0.90 12.17 -10.49
CA PHE A 277 -2.10 13.04 -10.51
C PHE A 277 -1.89 14.35 -9.78
N PHE A 278 -1.42 14.31 -8.50
CA PHE A 278 -1.25 15.57 -7.79
C PHE A 278 -0.25 16.48 -8.49
N LEU A 279 0.82 15.89 -9.02
CA LEU A 279 1.88 16.70 -9.59
C LEU A 279 1.45 17.37 -10.89
N GLN A 280 0.62 16.75 -11.73
CA GLN A 280 0.26 17.51 -12.93
C GLN A 280 -0.56 18.75 -12.59
N ALA A 281 -1.21 18.80 -11.41
CA ALA A 281 -1.90 20.01 -11.01
C ALA A 281 -1.02 20.96 -10.20
N CYS A 282 0.25 20.65 -10.01
CA CYS A 282 1.15 21.46 -9.19
C CYS A 282 2.47 21.57 -9.93
N PRO A 283 2.49 22.35 -11.01
CA PRO A 283 3.72 22.41 -11.82
C PRO A 283 4.91 23.02 -11.06
N LYS A 284 4.67 23.85 -10.05
CA LYS A 284 5.80 24.37 -9.28
C LYS A 284 6.54 23.24 -8.55
N ALA A 285 5.80 22.23 -8.05
CA ALA A 285 6.49 21.11 -7.42
C ALA A 285 7.26 20.30 -8.46
N VAL A 286 6.74 20.15 -9.67
CA VAL A 286 7.50 19.39 -10.64
C VAL A 286 8.78 20.14 -11.00
N GLU A 287 8.70 21.48 -11.10
CA GLU A 287 9.92 22.24 -11.39
C GLU A 287 10.98 22.04 -10.32
N GLU A 288 10.58 22.06 -9.05
CA GLU A 288 11.55 21.89 -7.97
C GLU A 288 12.07 20.45 -7.92
N LEU A 289 11.23 19.46 -8.23
CA LEU A 289 11.72 18.08 -8.33
C LEU A 289 12.76 17.99 -9.45
N ARG A 290 12.47 18.61 -10.58
CA ARG A 290 13.42 18.53 -11.70
C ARG A 290 14.74 19.13 -11.32
N GLU A 291 14.76 20.26 -10.63
CA GLU A 291 16.04 20.83 -10.19
C GLU A 291 16.81 19.84 -9.31
N GLU A 292 16.13 19.25 -8.32
CA GLU A 292 16.77 18.30 -7.40
C GLU A 292 17.37 17.12 -8.14
N HIS A 293 16.60 16.53 -9.07
CA HIS A 293 17.02 15.33 -9.75
C HIS A 293 18.03 15.61 -10.87
N LEU A 294 17.93 16.78 -11.50
CA LEU A 294 18.97 17.16 -12.47
C LEU A 294 20.29 17.33 -11.79
N GLU A 295 20.28 17.88 -10.60
CA GLU A 295 21.55 18.07 -9.90
C GLU A 295 22.19 16.74 -9.52
N ILE A 296 21.36 15.78 -9.06
CA ILE A 296 21.86 14.44 -8.77
C ILE A 296 22.42 13.79 -10.05
N ALA A 297 21.67 13.86 -11.14
CA ALA A 297 22.15 13.22 -12.38
C ALA A 297 23.45 13.84 -12.88
N ARG A 298 23.51 15.17 -12.89
CA ARG A 298 24.70 15.86 -13.38
C ARG A 298 25.92 15.52 -12.55
N ALA A 299 25.74 15.42 -11.23
CA ALA A 299 26.88 15.04 -10.40
C ALA A 299 27.35 13.65 -10.74
N LYS A 300 26.41 12.72 -10.99
CA LYS A 300 26.81 11.35 -11.34
C LYS A 300 27.54 11.33 -12.68
N LYS A 301 27.09 12.15 -13.62
CA LYS A 301 27.72 12.07 -14.94
C LYS A 301 29.17 12.56 -14.86
N GLU A 302 29.46 13.54 -13.98
CA GLU A 302 30.85 13.99 -13.76
C GLU A 302 31.76 12.87 -13.25
N LEU A 303 31.23 11.99 -12.40
CA LEU A 303 31.96 10.86 -11.87
C LEU A 303 31.97 9.65 -12.77
N GLY A 304 31.21 9.65 -13.86
CA GLY A 304 31.08 8.46 -14.69
C GLY A 304 30.17 7.39 -14.16
N GLU A 305 29.32 7.68 -13.17
CA GLU A 305 28.43 6.69 -12.62
C GLU A 305 27.16 6.61 -13.44
N SER A 306 26.64 5.40 -13.62
CA SER A 306 25.40 5.24 -14.36
C SER A 306 24.27 4.67 -13.52
N GLU A 307 24.55 4.07 -12.36
CA GLU A 307 23.49 3.53 -11.49
C GLU A 307 23.33 4.36 -10.21
N LEU A 308 22.08 4.59 -9.78
CA LEU A 308 21.90 5.24 -8.49
C LEU A 308 22.49 4.40 -7.37
N ASN A 309 22.89 5.08 -6.31
CA ASN A 309 23.32 4.44 -5.07
C ASN A 309 22.59 5.10 -3.91
N TRP A 310 22.76 4.52 -2.72
CA TRP A 310 22.03 5.00 -1.54
C TRP A 310 22.35 6.46 -1.21
N ASP A 311 23.61 6.89 -1.45
CA ASP A 311 23.92 8.29 -1.20
C ASP A 311 23.12 9.22 -2.12
N ASP A 312 22.85 8.80 -3.35
CA ASP A 312 22.02 9.60 -4.25
C ASP A 312 20.60 9.73 -3.68
N TYR A 313 20.06 8.63 -3.19
CA TYR A 313 18.71 8.62 -2.62
C TYR A 313 18.60 9.55 -1.43
N LYS A 314 19.63 9.58 -0.59
CA LYS A 314 19.59 10.47 0.56
C LYS A 314 19.60 11.94 0.20
N LYS A 315 19.95 12.28 -1.04
CA LYS A 315 19.89 13.66 -1.50
C LYS A 315 18.48 14.11 -1.89
N MET A 316 17.51 13.19 -1.90
CA MET A 316 16.23 13.50 -2.53
C MET A 316 15.24 14.09 -1.53
N ASP A 317 15.61 15.24 -0.98
CA ASP A 317 14.85 15.80 0.15
C ASP A 317 13.47 16.29 -0.28
N PHE A 318 13.37 17.01 -1.39
CA PHE A 318 12.06 17.50 -1.77
C PHE A 318 11.20 16.34 -2.27
N THR A 319 11.86 15.32 -2.81
CA THR A 319 11.12 14.12 -3.20
C THR A 319 10.43 13.50 -1.98
N GLN A 320 11.12 13.45 -0.83
CA GLN A 320 10.47 12.98 0.39
C GLN A 320 9.30 13.85 0.80
N CYS A 321 9.40 15.17 0.60
CA CYS A 321 8.25 16.03 0.89
C CYS A 321 7.04 15.67 0.02
N VAL A 322 7.28 15.48 -1.28
CA VAL A 322 6.21 15.07 -2.19
C VAL A 322 5.64 13.69 -1.82
N ILE A 323 6.51 12.75 -1.41
CA ILE A 323 6.02 11.43 -0.97
C ILE A 323 5.14 11.58 0.26
N ASN A 324 5.62 12.29 1.27
CA ASN A 324 4.79 12.45 2.49
C ASN A 324 3.45 13.10 2.16
N GLU A 325 3.46 14.11 1.29
CA GLU A 325 2.21 14.81 0.99
C GLU A 325 1.26 13.96 0.17
N THR A 326 1.80 13.20 -0.77
CA THR A 326 0.99 12.24 -1.52
C THR A 326 0.29 11.26 -0.59
N LEU A 327 1.01 10.74 0.39
CA LEU A 327 0.39 9.74 1.27
C LEU A 327 -0.60 10.40 2.23
N ARG A 328 -0.28 11.62 2.68
CA ARG A 328 -1.17 12.34 3.61
C ARG A 328 -2.52 12.67 2.95
N LEU A 329 -2.48 13.16 1.70
CA LEU A 329 -3.67 13.65 1.04
C LEU A 329 -4.43 12.51 0.39
N GLY A 330 -3.70 11.58 -0.22
CA GLY A 330 -4.35 10.55 -1.00
C GLY A 330 -4.83 9.35 -0.21
N ASN A 331 -4.17 9.03 0.92
CA ASN A 331 -4.66 8.01 1.86
C ASN A 331 -4.95 6.67 1.17
N VAL A 332 -3.84 6.03 0.76
CA VAL A 332 -3.89 4.66 0.24
C VAL A 332 -4.73 3.76 1.14
N VAL A 333 -4.55 3.87 2.45
CA VAL A 333 -5.28 3.03 3.41
C VAL A 333 -6.22 3.94 4.21
N ARG A 334 -7.51 3.61 4.20
CA ARG A 334 -8.48 4.50 4.84
C ARG A 334 -8.59 4.24 6.32
N PHE A 335 -8.63 2.96 6.69
CA PHE A 335 -8.89 2.54 8.09
C PHE A 335 -8.41 1.11 8.21
N LEU A 336 -8.23 0.64 9.48
CA LEU A 336 -7.77 -0.72 9.75
C LEU A 336 -8.84 -1.44 10.57
N HIS A 337 -8.79 -2.78 10.55
CA HIS A 337 -9.74 -3.61 11.28
C HIS A 337 -9.06 -4.13 12.55
N ARG A 338 -9.70 -3.90 13.70
CA ARG A 338 -9.21 -4.43 14.97
C ARG A 338 -10.39 -4.96 15.77
N LYS A 339 -10.09 -5.65 16.88
CA LYS A 339 -11.12 -5.98 17.85
C LYS A 339 -10.56 -5.75 19.24
N ALA A 340 -11.44 -5.46 20.21
CA ALA A 340 -10.99 -5.29 21.61
C ALA A 340 -10.77 -6.67 22.27
N LEU A 341 -9.63 -6.81 22.93
CA LEU A 341 -9.31 -8.08 23.59
C LEU A 341 -9.88 -8.15 24.99
N LYS A 342 -10.32 -7.01 25.54
CA LYS A 342 -10.98 -6.93 26.85
C LYS A 342 -11.68 -5.58 26.94
N ASP A 343 -12.47 -5.36 28.00
CA ASP A 343 -13.14 -4.06 28.11
C ASP A 343 -12.09 -2.98 28.26
N VAL A 344 -12.23 -1.93 27.48
CA VAL A 344 -11.36 -0.75 27.57
C VAL A 344 -12.24 0.47 27.85
N ARG A 345 -11.83 1.32 28.79
CA ARG A 345 -12.58 2.56 29.07
C ARG A 345 -11.64 3.70 28.72
N TYR A 346 -11.89 4.37 27.60
CA TYR A 346 -10.96 5.38 27.07
C TYR A 346 -11.62 6.76 27.17
N LYS A 347 -11.07 7.65 28.02
CA LYS A 347 -11.65 8.99 28.19
C LYS A 347 -13.16 8.93 28.40
N GLY A 348 -13.59 7.94 29.19
CA GLY A 348 -14.99 7.82 29.53
C GLY A 348 -15.77 6.88 28.62
N TYR A 349 -15.27 6.61 27.42
CA TYR A 349 -16.02 5.76 26.49
C TYR A 349 -15.78 4.29 26.80
N ASP A 350 -16.85 3.51 26.80
CA ASP A 350 -16.79 2.06 26.99
C ASP A 350 -16.52 1.38 25.64
N ILE A 351 -15.40 0.66 25.51
CA ILE A 351 -15.13 -0.19 24.33
C ILE A 351 -15.20 -1.64 24.80
N PRO A 352 -16.32 -2.35 24.60
CA PRO A 352 -16.48 -3.65 25.25
C PRO A 352 -15.65 -4.74 24.63
N SER A 353 -15.27 -5.72 25.46
CA SER A 353 -14.50 -6.88 25.04
C SER A 353 -15.16 -7.50 23.83
N GLY A 354 -14.34 -7.82 22.82
CA GLY A 354 -14.84 -8.52 21.65
C GLY A 354 -15.48 -7.68 20.57
N TRP A 355 -15.78 -6.40 20.84
CA TRP A 355 -16.32 -5.55 19.78
C TRP A 355 -15.24 -5.26 18.72
N LYS A 356 -15.70 -5.05 17.50
CA LYS A 356 -14.81 -4.55 16.45
C LYS A 356 -14.48 -3.08 16.71
N VAL A 357 -13.28 -2.66 16.25
CA VAL A 357 -12.83 -1.31 16.48
C VAL A 357 -12.14 -0.90 15.19
N LEU A 358 -12.57 0.20 14.58
CA LEU A 358 -11.95 0.64 13.31
C LEU A 358 -11.21 1.97 13.53
N PRO A 359 -9.87 1.95 13.68
CA PRO A 359 -9.13 3.21 13.67
C PRO A 359 -9.07 3.76 12.26
N VAL A 360 -9.72 4.90 12.05
CA VAL A 360 -9.74 5.51 10.71
C VAL A 360 -8.45 6.31 10.63
N ILE A 361 -7.35 5.64 10.25
CA ILE A 361 -6.05 6.27 10.29
C ILE A 361 -5.97 7.49 9.36
N SER A 362 -6.79 7.53 8.31
CA SER A 362 -6.79 8.64 7.38
C SER A 362 -7.37 9.92 7.98
N ALA A 363 -8.10 9.83 9.10
CA ALA A 363 -8.82 11.02 9.57
C ALA A 363 -7.90 12.14 10.00
N VAL A 364 -6.83 11.85 10.74
CA VAL A 364 -5.95 12.91 11.25
C VAL A 364 -5.29 13.65 10.10
N HIS A 365 -5.07 12.94 8.99
CA HIS A 365 -4.38 13.58 7.84
C HIS A 365 -5.21 14.71 7.26
N LEU A 366 -6.53 14.60 7.37
CA LEU A 366 -7.43 15.55 6.72
C LEU A 366 -8.05 16.54 7.72
N ASP A 367 -7.48 16.62 8.92
CA ASP A 367 -8.04 17.41 10.02
C ASP A 367 -7.53 18.84 9.91
N ASN A 368 -8.43 19.78 9.65
CA ASN A 368 -7.88 21.12 9.40
C ASN A 368 -7.34 21.80 10.66
N SER A 369 -7.46 21.19 11.85
CA SER A 369 -6.74 21.71 13.00
C SER A 369 -5.34 21.15 13.17
N ARG A 370 -4.97 20.11 12.41
CA ARG A 370 -3.61 19.57 12.39
C ARG A 370 -2.81 19.96 11.17
N TYR A 371 -3.47 20.12 10.02
CA TYR A 371 -2.82 20.50 8.77
C TYR A 371 -3.58 21.67 8.17
N ASP A 372 -2.93 22.82 8.02
CA ASP A 372 -3.54 23.95 7.34
C ASP A 372 -3.96 23.56 5.91
N GLN A 373 -5.18 23.91 5.50
CA GLN A 373 -5.67 23.61 4.15
C GLN A 373 -5.46 22.13 3.83
N PRO A 374 -6.09 21.24 4.56
CA PRO A 374 -5.73 19.83 4.47
C PRO A 374 -6.12 19.20 3.16
N ASN A 375 -7.06 19.77 2.40
CA ASN A 375 -7.40 19.14 1.12
C ASN A 375 -6.52 19.65 -0.02
N LEU A 376 -5.54 20.49 0.27
CA LEU A 376 -4.63 21.01 -0.76
C LEU A 376 -3.35 20.20 -0.78
N PHE A 377 -2.84 19.95 -2.00
CA PHE A 377 -1.55 19.31 -2.13
C PHE A 377 -0.49 20.39 -1.97
N ASN A 378 0.21 20.37 -0.83
CA ASN A 378 1.20 21.38 -0.46
C ASN A 378 2.44 20.66 0.07
N PRO A 379 3.33 20.13 -0.83
CA PRO A 379 4.48 19.37 -0.31
C PRO A 379 5.43 20.26 0.51
N TRP A 380 5.38 21.60 0.33
CA TRP A 380 6.25 22.45 1.15
C TRP A 380 5.83 22.47 2.62
N ARG A 381 4.64 21.98 3.00
CA ARG A 381 4.36 21.87 4.44
C ARG A 381 5.36 20.96 5.14
N TRP A 382 6.12 20.13 4.40
CA TRP A 382 7.07 19.21 4.99
C TRP A 382 8.49 19.75 5.00
N GLN A 383 8.72 20.88 4.34
CA GLN A 383 10.08 21.27 4.04
C GLN A 383 10.73 21.90 5.26
N GLN A 384 11.89 21.37 5.65
CA GLN A 384 12.55 21.79 6.88
C GLN A 384 11.60 21.71 8.07
N GLN A 385 10.67 20.77 8.07
CA GLN A 385 9.75 20.60 9.19
C GLN A 385 10.12 19.37 10.00
N ASN A 389 2.49 11.65 15.75
CA ASN A 389 1.10 11.66 16.26
C ASN A 389 0.08 12.05 15.17
N ASN A 390 0.51 12.84 14.18
CA ASN A 390 -0.40 13.35 13.17
C ASN A 390 -0.21 12.72 11.82
N TYR A 391 0.62 11.68 11.72
CA TYR A 391 0.92 11.11 10.41
C TYR A 391 1.06 9.60 10.59
N MET A 392 0.11 8.84 10.04
CA MET A 392 0.17 7.39 10.22
C MET A 392 -0.32 6.61 9.00
N PRO A 393 0.12 6.94 7.78
CA PRO A 393 -0.38 6.21 6.60
C PRO A 393 0.06 4.78 6.55
N PHE A 394 1.11 4.43 7.30
CA PHE A 394 1.64 3.08 7.33
C PHE A 394 1.16 2.30 8.56
N GLY A 395 0.17 2.83 9.28
CA GLY A 395 -0.28 2.17 10.49
C GLY A 395 0.66 2.49 11.66
N GLY A 396 0.84 1.53 12.57
CA GLY A 396 1.66 1.87 13.75
C GLY A 396 1.83 0.69 14.68
N GLY A 397 2.63 0.92 15.75
CA GLY A 397 2.82 -0.12 16.73
C GLY A 397 3.55 -1.29 16.12
N PRO A 398 3.33 -2.49 16.66
CA PRO A 398 4.08 -3.65 16.19
C PRO A 398 3.64 -4.15 14.83
N ARG A 399 2.67 -3.49 14.18
CA ARG A 399 2.24 -3.84 12.83
C ARG A 399 2.54 -2.71 11.85
N LEU A 400 3.41 -1.77 12.23
CA LEU A 400 3.77 -0.69 11.32
C LEU A 400 4.29 -1.32 10.03
N CYS A 401 3.81 -0.83 8.89
CA CYS A 401 4.17 -1.38 7.57
C CYS A 401 5.62 -1.85 7.49
N ALA A 402 5.81 -3.14 7.19
CA ALA A 402 7.19 -3.66 7.07
C ALA A 402 7.83 -3.32 5.72
N GLY A 403 7.04 -2.93 4.74
CA GLY A 403 7.56 -2.50 3.46
C GLY A 403 7.76 -1.01 3.32
N SER A 404 7.65 -0.22 4.39
CA SER A 404 7.49 1.23 4.17
C SER A 404 8.74 1.85 3.56
N GLU A 405 9.93 1.37 3.95
CA GLU A 405 11.12 1.98 3.35
C GLU A 405 11.31 1.56 1.89
N LEU A 406 10.89 0.35 1.52
CA LEU A 406 10.89 0.01 0.10
C LEU A 406 9.85 0.83 -0.66
N ALA A 407 8.68 1.06 -0.06
CA ALA A 407 7.67 1.84 -0.78
C ALA A 407 8.15 3.24 -1.08
N LYS A 408 8.81 3.89 -0.09
CA LYS A 408 9.29 5.24 -0.34
C LYS A 408 10.41 5.23 -1.41
N LEU A 409 11.29 4.23 -1.36
CA LEU A 409 12.35 4.11 -2.36
C LEU A 409 11.81 3.91 -3.78
N GLU A 410 10.79 3.04 -3.93
CA GLU A 410 10.12 2.89 -5.24
C GLU A 410 9.54 4.21 -5.73
N MET A 411 8.81 4.92 -4.87
CA MET A 411 8.23 6.19 -5.30
C MET A 411 9.33 7.16 -5.72
N ALA A 412 10.40 7.26 -4.93
CA ALA A 412 11.43 8.27 -5.21
C ALA A 412 12.22 7.97 -6.48
N VAL A 413 12.60 6.70 -6.69
CA VAL A 413 13.36 6.34 -7.89
C VAL A 413 12.47 6.50 -9.13
N PHE A 414 11.20 6.12 -9.02
CA PHE A 414 10.31 6.32 -10.16
C PHE A 414 10.12 7.83 -10.48
N ILE A 415 9.92 8.67 -9.47
CA ILE A 415 9.82 10.13 -9.72
C ILE A 415 11.11 10.69 -10.31
N HIS A 416 12.27 10.25 -9.79
CA HIS A 416 13.58 10.68 -10.31
C HIS A 416 13.63 10.59 -11.84
N HIS A 417 13.36 9.41 -12.38
CA HIS A 417 13.47 9.22 -13.81
C HIS A 417 12.27 9.77 -14.55
N LEU A 418 11.07 9.72 -13.93
CA LEU A 418 9.90 10.33 -14.57
C LEU A 418 10.16 11.81 -14.90
N VAL A 419 10.61 12.62 -13.91
CA VAL A 419 10.68 14.08 -14.17
C VAL A 419 11.87 14.43 -15.06
N LEU A 420 12.89 13.58 -15.12
CA LEU A 420 13.99 13.80 -16.05
C LEU A 420 13.63 13.46 -17.49
N LYS A 421 12.77 12.45 -17.70
CA LYS A 421 12.47 12.05 -19.07
C LYS A 421 11.31 12.81 -19.67
N PHE A 422 10.25 13.13 -18.89
CA PHE A 422 8.96 13.44 -19.51
C PHE A 422 8.26 14.63 -18.85
N ASN A 423 7.48 15.36 -19.67
CA ASN A 423 6.33 16.11 -19.21
C ASN A 423 5.09 15.24 -19.40
N TRP A 424 4.02 15.51 -18.64
CA TRP A 424 2.82 14.69 -18.80
C TRP A 424 1.58 15.54 -18.56
N GLU A 425 0.45 15.10 -19.10
CA GLU A 425 -0.82 15.80 -18.90
C GLU A 425 -1.93 14.77 -18.85
N LEU A 426 -3.01 15.09 -18.14
CA LEU A 426 -4.19 14.24 -18.16
C LEU A 426 -4.82 14.21 -19.55
N ALA A 427 -5.27 13.03 -19.98
CA ALA A 427 -5.96 12.95 -21.26
C ALA A 427 -7.45 13.29 -21.16
N GLU A 428 -8.00 13.33 -19.96
CA GLU A 428 -9.42 13.55 -19.69
C GLU A 428 -9.53 13.79 -18.20
N ASP A 429 -10.75 14.16 -17.76
CA ASP A 429 -10.99 14.32 -16.33
C ASP A 429 -10.85 12.99 -15.59
N ASP A 430 -10.34 13.05 -14.36
CA ASP A 430 -10.36 11.87 -13.51
C ASP A 430 -10.05 12.37 -12.10
N LYS A 431 -10.35 11.55 -11.12
CA LYS A 431 -9.99 11.86 -9.75
C LYS A 431 -10.04 10.54 -8.97
N PRO A 432 -9.32 10.45 -7.86
CA PRO A 432 -9.28 9.18 -7.14
C PRO A 432 -10.50 9.04 -6.24
N PHE A 433 -10.99 7.80 -6.12
CA PHE A 433 -12.07 7.47 -5.20
C PHE A 433 -11.62 6.34 -4.28
N ALA A 434 -12.22 6.27 -3.10
CA ALA A 434 -12.00 5.18 -2.14
C ALA A 434 -13.18 4.23 -2.19
N PHE A 435 -12.92 2.91 -2.36
CA PHE A 435 -13.94 1.87 -2.59
C PHE A 435 -14.08 0.78 -1.53
N PRO A 436 -13.28 0.70 -0.44
CA PRO A 436 -12.35 1.64 0.20
C PRO A 436 -10.96 1.60 -0.39
N PHE A 437 -10.60 0.62 -1.23
CA PHE A 437 -9.30 0.74 -1.88
C PHE A 437 -9.33 1.95 -2.80
N VAL A 438 -8.17 2.59 -3.04
CA VAL A 438 -8.16 3.86 -3.78
C VAL A 438 -7.90 3.53 -5.26
N ASP A 439 -8.69 4.11 -6.15
CA ASP A 439 -8.59 3.77 -7.56
C ASP A 439 -9.04 4.96 -8.38
N PHE A 440 -8.39 5.15 -9.55
CA PHE A 440 -8.87 6.17 -10.48
C PHE A 440 -9.87 5.50 -11.42
N PRO A 441 -11.17 5.83 -11.36
CA PRO A 441 -12.13 5.01 -12.11
C PRO A 441 -11.89 5.01 -13.60
N ASN A 442 -11.37 6.11 -14.14
CA ASN A 442 -11.10 6.17 -15.58
C ASN A 442 -9.68 5.77 -15.96
N GLY A 443 -8.89 5.30 -15.00
CA GLY A 443 -7.59 4.73 -15.28
C GLY A 443 -6.42 5.70 -15.26
N LEU A 444 -6.64 6.94 -14.86
CA LEU A 444 -5.61 7.98 -14.85
C LEU A 444 -4.90 7.99 -16.23
N LEU A 445 -5.72 8.20 -17.27
CA LEU A 445 -5.17 8.27 -18.64
C LEU A 445 -4.35 9.54 -18.80
N ILE A 446 -3.11 9.37 -19.29
CA ILE A 446 -2.22 10.52 -19.54
C ILE A 446 -1.61 10.43 -20.96
N ARG A 447 -0.98 11.54 -21.37
CA ARG A 447 -0.05 11.53 -22.49
C ARG A 447 1.27 12.12 -22.00
N VAL A 448 2.39 11.67 -22.59
CA VAL A 448 3.70 12.23 -22.19
C VAL A 448 4.40 12.82 -23.42
N SER A 449 5.37 13.71 -23.16
CA SER A 449 6.24 14.22 -24.23
C SER A 449 7.65 14.24 -23.67
N ARG A 450 8.62 13.87 -24.50
CA ARG A 450 10.00 13.70 -24.00
C ARG A 450 10.71 15.03 -23.87
N ILE A 451 11.48 15.19 -22.80
CA ILE A 451 12.25 16.42 -22.63
C ILE A 451 13.57 16.30 -23.39
N LEU A 452 13.80 17.24 -24.33
CA LEU A 452 15.03 17.18 -25.13
C LEU A 452 16.10 18.18 -24.69
N HIS A 453 15.73 19.20 -23.94
CA HIS A 453 16.68 20.23 -23.48
C HIS A 453 16.30 20.56 -22.05
N HIS A 454 17.17 20.20 -21.12
CA HIS A 454 16.95 20.57 -19.74
C HIS A 454 17.49 21.97 -19.48
N HIS A 455 16.90 22.64 -18.49
CA HIS A 455 17.32 24.01 -18.18
C HIS A 455 18.68 23.99 -17.45
CHA HEM B . 1.29 -3.67 6.68
CHB HEM B . 0.29 0.52 4.34
CHC HEM B . 3.57 -0.61 0.96
CHD HEM B . 4.35 -4.87 3.13
C1A HEM B . 0.74 -2.44 6.31
C2A HEM B . -0.25 -1.72 7.07
C3A HEM B . -0.54 -0.56 6.45
C4A HEM B . 0.29 -0.51 5.26
CMA HEM B . -1.51 0.55 6.88
CAA HEM B . -0.82 -2.20 8.42
CBA HEM B . -1.99 -3.13 8.30
CGA HEM B . -2.58 -3.46 9.70
O1A HEM B . -1.85 -3.27 10.70
O2A HEM B . -3.79 -3.84 9.80
C1B HEM B . 1.08 0.57 3.23
C2B HEM B . 1.17 1.74 2.33
C3B HEM B . 2.07 1.40 1.42
C4B HEM B . 2.57 0.05 1.68
CMB HEM B . 0.38 3.07 2.42
CAB HEM B . 2.55 2.27 0.23
CBB HEM B . 2.59 3.59 0.20
C1C HEM B . 4.05 -1.88 1.21
C2C HEM B . 5.00 -2.63 0.37
C3C HEM B . 5.20 -3.83 0.98
C4C HEM B . 4.41 -3.85 2.20
CMC HEM B . 5.65 -2.10 -0.92
CAC HEM B . 6.15 -4.92 0.46
CBC HEM B . 5.91 -6.19 0.73
C1D HEM B . 3.65 -4.85 4.31
C2D HEM B . 3.70 -5.90 5.30
C3D HEM B . 2.87 -5.57 6.31
C4D HEM B . 2.22 -4.33 5.94
CMD HEM B . 4.59 -7.10 5.23
CAD HEM B . 2.56 -6.39 7.58
CBD HEM B . 3.24 -5.83 8.82
CGD HEM B . 2.85 -6.67 10.04
O1D HEM B . 3.68 -6.69 10.98
O2D HEM B . 1.73 -7.23 10.12
NA HEM B . 1.04 -1.68 5.19
NB HEM B . 1.98 -0.42 2.81
NC HEM B . 3.68 -2.71 2.30
ND HEM B . 2.71 -3.93 4.72
FE HEM B . 2.54 -2.05 3.87
HHB HEM B . -0.45 1.16 4.38
HHC HEM B . 3.93 -0.15 0.18
HHD HEM B . 4.86 -5.69 2.94
HMA HEM B . -2.42 0.18 6.94
HMAA HEM B . -1.49 1.28 6.21
HMAB HEM B . -1.24 0.91 7.75
HAA HEM B . -1.09 -1.42 8.93
HAAA HEM B . -0.11 -2.65 8.91
HBA HEM B . -1.71 -3.95 7.87
HBAA HEM B . -2.68 -2.71 7.76
HMB HEM B . 0.66 3.66 1.69
HMBA HEM B . 0.59 3.50 3.27
HMBB HEM B . -0.56 2.90 2.36
HAB HEM B . 2.84 1.80 -0.55
HBB HEM B . 2.91 4.04 -0.60
HBBA HEM B . 2.32 4.11 0.97
HMC HEM B . 6.24 -2.78 -1.28
HMCA HEM B . 6.16 -1.30 -0.73
HMCB HEM B . 4.95 -1.90 -1.57
HAC HEM B . 6.92 -4.67 -0.06
HBC HEM B . 6.52 -6.88 0.39
HBCA HEM B . 5.14 -6.44 1.25
HMD HEM B . 4.38 -7.61 4.43
HMDA HEM B . 4.46 -7.66 6.03
HMDB HEM B . 5.53 -6.82 5.19
HAD HEM B . 1.60 -6.38 7.73
HADA HEM B . 2.84 -7.30 7.45
HBD HEM B . 4.20 -5.86 8.70
HBDA HEM B . 2.96 -4.91 8.96
HHA HEM B . 0.80 -4.20 7.35
C1 CLR C . -9.49 -4.52 2.85
C2 CLR C . -11.00 -4.26 3.06
C3 CLR C . -11.22 -3.87 4.54
C4 CLR C . -10.47 -2.49 4.74
C5 CLR C . -8.99 -2.71 4.55
C6 CLR C . -8.15 -2.22 5.44
C7 CLR C . -6.65 -2.27 5.35
C8 CLR C . -6.20 -2.63 3.89
C9 CLR C . -7.08 -3.74 3.29
C10 CLR C . -8.57 -3.31 3.17
C11 CLR C . -6.51 -4.05 1.87
C12 CLR C . -5.05 -4.60 1.90
C13 CLR C . -4.10 -3.57 2.61
C14 CLR C . -4.80 -3.21 3.98
C15 CLR C . -3.71 -2.34 4.64
C16 CLR C . -2.38 -3.15 4.31
C17 CLR C . -2.74 -4.09 3.12
C18 CLR C . -3.89 -2.24 1.71
C19 CLR C . -8.77 -2.17 2.10
C20 CLR C . -1.58 -4.13 2.08
C21 CLR C . -2.01 -5.03 0.85
C22 CLR C . -0.32 -4.72 2.73
C23 CLR C . -0.45 -6.30 2.93
C24 CLR C . 0.78 -6.73 3.63
C25 CLR C . 0.99 -8.26 3.99
C26 CLR C . -0.28 -9.05 4.19
C27 CLR C . 1.87 -8.93 2.97
O1 CLR C . -12.64 -3.77 4.68
C1 GOL D . 4.52 17.64 -15.77
O1 GOL D . 4.62 17.99 -17.12
C2 GOL D . 3.37 18.30 -15.12
O2 GOL D . 2.16 18.13 -15.80
C3 GOL D . 3.66 19.82 -15.14
O3 GOL D . 5.03 20.06 -15.29
H11 GOL D . 4.42 16.57 -15.68
H12 GOL D . 5.44 17.94 -15.26
HO1 GOL D . 5.43 17.59 -17.49
H2 GOL D . 3.28 17.96 -14.08
HO2 GOL D . 1.45 18.64 -15.36
H31 GOL D . 3.11 20.28 -15.95
H32 GOL D . 3.31 20.27 -14.20
HO3 GOL D . 5.26 20.09 -16.25
C1 GOL E . -5.51 19.54 -4.59
O1 GOL E . -4.31 20.29 -4.43
C2 GOL E . -5.31 18.28 -5.43
O2 GOL E . -4.72 18.57 -6.69
C3 GOL E . -6.65 17.65 -5.77
O3 GOL E . -6.98 16.72 -4.79
H11 GOL E . -5.89 19.25 -3.60
H12 GOL E . -6.26 20.17 -5.05
HO1 GOL E . -4.50 21.12 -3.94
H2 GOL E . -4.70 17.56 -4.89
HO2 GOL E . -4.63 17.74 -7.20
H31 GOL E . -7.41 18.43 -5.82
H32 GOL E . -6.60 17.16 -6.74
HO3 GOL E . -7.94 16.49 -4.88
C1 GOL F . -18.94 4.28 -9.25
O1 GOL F . -18.96 2.91 -8.90
C2 GOL F . -18.54 5.14 -8.06
O2 GOL F . -19.72 5.60 -7.42
C3 GOL F . -17.65 6.31 -8.47
O3 GOL F . -18.44 7.38 -8.98
H11 GOL F . -18.23 4.44 -10.07
H12 GOL F . -19.92 4.58 -9.62
HO1 GOL F . -19.28 2.38 -9.66
H2 GOL F . -17.98 4.52 -7.37
HO2 GOL F . -19.49 6.11 -6.62
H31 GOL F . -16.94 5.99 -9.23
H32 GOL F . -17.08 6.66 -7.61
HO3 GOL F . -17.86 8.01 -9.47
C1 GOL G . 2.74 -7.99 17.65
O1 GOL G . 1.51 -8.12 16.98
C2 GOL G . 3.72 -9.06 17.22
O2 GOL G . 2.93 -10.20 16.96
C3 GOL G . 4.62 -8.64 16.03
O3 GOL G . 5.50 -7.54 16.27
H11 GOL G . 3.16 -7.00 17.43
H12 GOL G . 2.58 -8.06 18.73
HO1 GOL G . 0.87 -7.45 17.33
H2 GOL G . 4.37 -9.27 18.07
HO2 GOL G . 2.35 -10.03 16.19
H31 GOL G . 5.20 -9.51 15.74
H32 GOL G . 3.97 -8.39 15.20
HO3 GOL G . 6.28 -7.62 15.69
C1 GOL H . 7.92 4.98 8.89
O1 GOL H . 6.72 5.07 9.61
C2 GOL H . 7.77 5.67 7.54
O2 GOL H . 9.07 5.65 7.00
C3 GOL H . 7.13 7.07 7.66
O3 GOL H . 7.63 8.00 6.70
H11 GOL H . 8.72 5.45 9.46
H12 GOL H . 8.18 3.93 8.74
HO1 GOL H . 6.80 4.58 10.45
H2 GOL H . 7.12 5.06 6.92
HO2 GOL H . 9.06 6.04 6.10
H31 GOL H . 6.05 6.98 7.54
H32 GOL H . 7.31 7.46 8.67
HO3 GOL H . 7.43 8.92 6.99
CL CL I . -26.22 0.92 31.48
#